data_5TMO
#
_entry.id   5TMO
#
_cell.length_a   54.953
_cell.length_b   82.221
_cell.length_c   58.604
_cell.angle_alpha   90.000
_cell.angle_beta   110.720
_cell.angle_gamma   90.000
#
_symmetry.space_group_name_H-M   'P 1 21 1'
#
loop_
_entity.id
_entity.type
_entity.pdbx_description
1 polymer 'Estrogen receptor'
2 polymer 'Nuclear receptor coactivator 2'
3 non-polymer "phenyl 4,4''-dihydroxy-[1,1':2',1''-terphenyl]-4'-sulfonate"
4 water water
#
loop_
_entity_poly.entity_id
_entity_poly.type
_entity_poly.pdbx_seq_one_letter_code
_entity_poly.pdbx_strand_id
1 'polypeptide(L)'
;IKRSKKNSLALSLTADQMVSALLDAEPPILYSEYDPTRPFSEASMMGLLTNLADRELVHMINWAKRVPGFVDLTLHDQVH
LLECAWLEILMIGLVWRSMEHPGKLLFAPNLLLDRNQGKCVEGMVEIFDMLLATSSRFRMMNLQGEEFVCLKSIILLNSG
VYTFLSSTLKSLEEKDHIHRVLDKITDTLIHLMAKAGLTLQQQHQRLAQLLLILSHIRHMSNKGMEHLYSMKCKNVVPLS
DLLLEMLDAHRLHAPTS
;
A,B
2 'polypeptide(L)' KHKILHRLLQDSS C,D
#
# COMPACT_ATOMS: atom_id res chain seq x y z
N ASN A 7 -21.74 -7.00 20.78
CA ASN A 7 -20.51 -6.44 21.36
C ASN A 7 -19.37 -7.45 21.27
N SER A 8 -18.17 -6.96 21.04
CA SER A 8 -17.00 -7.80 20.82
C SER A 8 -16.10 -7.80 22.06
N LEU A 9 -15.51 -8.96 22.35
CA LEU A 9 -14.63 -9.07 23.50
C LEU A 9 -13.30 -8.34 23.28
N ALA A 10 -12.87 -8.21 22.02
CA ALA A 10 -11.58 -7.60 21.73
C ALA A 10 -11.49 -6.17 22.24
N LEU A 11 -12.62 -5.44 22.25
CA LEU A 11 -12.57 -4.03 22.66
C LEU A 11 -12.40 -3.89 24.16
N SER A 12 -12.91 -4.84 24.94
CA SER A 12 -12.77 -4.81 26.39
C SER A 12 -11.37 -5.21 26.85
N LEU A 13 -10.56 -5.76 25.96
CA LEU A 13 -9.19 -6.12 26.30
C LEU A 13 -8.35 -4.87 26.57
N THR A 14 -7.38 -5.01 27.47
CA THR A 14 -6.42 -3.95 27.72
C THR A 14 -5.25 -4.08 26.73
N ALA A 15 -4.36 -3.09 26.75
CA ALA A 15 -3.24 -3.08 25.83
C ALA A 15 -2.34 -4.30 26.03
N ASP A 16 -1.99 -4.59 27.28
CA ASP A 16 -1.15 -5.75 27.57
C ASP A 16 -1.87 -7.05 27.21
N GLN A 17 -3.16 -7.16 27.56
CA GLN A 17 -3.94 -8.33 27.16
C GLN A 17 -3.93 -8.50 25.65
N MET A 18 -3.99 -7.39 24.90
CA MET A 18 -3.92 -7.47 23.44
C MET A 18 -2.57 -8.03 22.99
N VAL A 19 -1.48 -7.50 23.53
CA VAL A 19 -0.14 -7.97 23.15
C VAL A 19 0.02 -9.45 23.45
N SER A 20 -0.32 -9.86 24.68
CA SER A 20 -0.15 -11.25 25.07
C SER A 20 -0.95 -12.18 24.15
N ALA A 21 -2.20 -11.81 23.85
CA ALA A 21 -3.02 -12.63 22.98
C ALA A 21 -2.39 -12.76 21.60
N LEU A 22 -1.85 -11.68 21.05
CA LEU A 22 -1.20 -11.74 19.75
C LEU A 22 0.08 -12.55 19.81
N LEU A 23 0.92 -12.29 20.82
CA LEU A 23 2.15 -13.06 20.99
C LEU A 23 1.85 -14.55 21.13
N ASP A 24 0.86 -14.90 21.95
CA ASP A 24 0.53 -16.30 22.17
C ASP A 24 0.00 -16.98 20.92
N ALA A 25 -0.55 -16.22 19.98
CA ALA A 25 -1.11 -16.77 18.76
C ALA A 25 -0.10 -16.83 17.62
N GLU A 26 1.13 -16.39 17.83
CA GLU A 26 2.14 -16.41 16.77
C GLU A 26 2.27 -17.82 16.19
N PRO A 27 2.20 -17.98 14.88
CA PRO A 27 2.41 -19.29 14.28
C PRO A 27 3.88 -19.69 14.41
N PRO A 28 4.19 -20.97 14.22
CA PRO A 28 5.58 -21.41 14.31
C PRO A 28 6.32 -21.19 12.99
N ILE A 29 7.65 -21.22 13.09
CA ILE A 29 8.51 -21.11 11.93
C ILE A 29 8.72 -22.50 11.36
N LEU A 30 8.21 -22.73 10.14
CA LEU A 30 8.24 -24.04 9.52
C LEU A 30 9.56 -24.25 8.76
N TYR A 31 9.85 -25.51 8.46
CA TYR A 31 11.02 -25.90 7.71
C TYR A 31 10.66 -26.25 6.27
N SER A 32 11.62 -26.01 5.37
CA SER A 32 11.52 -26.49 4.00
C SER A 32 11.91 -27.97 3.94
N GLU A 33 11.82 -28.54 2.74
CA GLU A 33 12.30 -29.91 2.55
C GLU A 33 13.82 -29.96 2.76
N TYR A 34 14.30 -31.10 3.25
CA TYR A 34 15.65 -31.22 3.76
C TYR A 34 16.66 -31.71 2.74
N ASP A 35 16.44 -31.48 1.44
CA ASP A 35 17.44 -31.87 0.48
C ASP A 35 18.54 -30.82 0.42
N PRO A 36 19.82 -31.22 0.46
CA PRO A 36 20.91 -30.25 0.59
C PRO A 36 21.28 -29.56 -0.71
N THR A 37 20.56 -29.79 -1.81
CA THR A 37 20.87 -29.18 -3.10
C THR A 37 20.64 -27.68 -3.00
N ARG A 38 21.64 -26.97 -2.47
CA ARG A 38 21.58 -25.51 -2.42
C ARG A 38 21.48 -24.88 -3.80
N PRO A 39 22.16 -25.36 -4.85
CA PRO A 39 21.86 -24.87 -6.19
C PRO A 39 20.41 -25.14 -6.57
N PHE A 40 19.78 -24.13 -7.18
CA PHE A 40 18.35 -24.17 -7.45
C PHE A 40 18.07 -23.87 -8.91
N SER A 41 16.98 -24.45 -9.41
CA SER A 41 16.40 -24.14 -10.70
C SER A 41 15.08 -23.42 -10.50
N GLU A 42 14.51 -22.93 -11.60
CA GLU A 42 13.21 -22.25 -11.50
C GLU A 42 12.13 -23.19 -10.99
N ALA A 43 12.19 -24.46 -11.38
CA ALA A 43 11.18 -25.42 -10.93
C ALA A 43 11.41 -25.84 -9.48
N SER A 44 12.66 -26.08 -9.09
CA SER A 44 12.94 -26.50 -7.72
C SER A 44 12.81 -25.34 -6.74
N MET A 45 13.10 -24.12 -7.19
CA MET A 45 12.89 -22.95 -6.35
C MET A 45 11.41 -22.80 -6.00
N MET A 46 10.55 -22.72 -7.02
CA MET A 46 9.14 -22.50 -6.76
C MET A 46 8.49 -23.72 -6.11
N GLY A 47 9.03 -24.92 -6.36
CA GLY A 47 8.52 -26.09 -5.65
C GLY A 47 8.66 -25.96 -4.15
N LEU A 48 9.85 -25.58 -3.68
CA LEU A 48 10.08 -25.43 -2.25
C LEU A 48 9.22 -24.31 -1.66
N LEU A 49 9.04 -23.22 -2.41
CA LEU A 49 8.32 -22.08 -1.86
C LEU A 49 6.82 -22.37 -1.76
N THR A 50 6.23 -22.92 -2.83
CA THR A 50 4.80 -23.20 -2.80
C THR A 50 4.46 -24.26 -1.76
N ASN A 51 5.32 -25.25 -1.58
CA ASN A 51 5.11 -26.24 -0.51
C ASN A 51 5.19 -25.59 0.86
N LEU A 52 6.19 -24.71 1.05
CA LEU A 52 6.33 -24.00 2.32
C LEU A 52 5.13 -23.10 2.57
N ALA A 53 4.74 -22.31 1.56
CA ALA A 53 3.67 -21.34 1.74
C ALA A 53 2.32 -22.01 1.96
N ASP A 54 2.08 -23.14 1.28
CA ASP A 54 0.87 -23.91 1.54
C ASP A 54 0.77 -24.28 3.02
N ARG A 55 1.86 -24.74 3.60
CA ARG A 55 1.83 -25.13 5.01
C ARG A 55 1.72 -23.92 5.92
N GLU A 56 2.38 -22.81 5.56
CA GLU A 56 2.20 -21.57 6.34
C GLU A 56 0.76 -21.10 6.30
N LEU A 57 0.08 -21.29 5.17
CA LEU A 57 -1.30 -20.85 5.05
C LEU A 57 -2.19 -21.51 6.10
N VAL A 58 -2.02 -22.82 6.31
CA VAL A 58 -2.82 -23.52 7.31
C VAL A 58 -2.62 -22.89 8.68
N HIS A 59 -1.36 -22.56 9.02
CA HIS A 59 -1.10 -21.91 10.29
C HIS A 59 -1.64 -20.48 10.32
N MET A 60 -1.57 -19.77 9.19
CA MET A 60 -2.10 -18.41 9.17
C MET A 60 -3.59 -18.41 9.50
N ILE A 61 -4.33 -19.34 8.92
CA ILE A 61 -5.79 -19.36 9.10
C ILE A 61 -6.14 -19.60 10.56
N ASN A 62 -5.40 -20.46 11.25
CA ASN A 62 -5.65 -20.65 12.67
C ASN A 62 -5.15 -19.48 13.50
N TRP A 63 -4.04 -18.84 13.08
CA TRP A 63 -3.62 -17.60 13.71
C TRP A 63 -4.69 -16.53 13.59
N ALA A 64 -5.29 -16.42 12.39
CA ALA A 64 -6.30 -15.39 12.16
C ALA A 64 -7.48 -15.52 13.13
N LYS A 65 -7.94 -16.76 13.36
CA LYS A 65 -9.07 -16.96 14.26
C LYS A 65 -8.76 -16.47 15.67
N ARG A 66 -7.49 -16.42 16.04
CA ARG A 66 -7.05 -15.97 17.35
C ARG A 66 -6.82 -14.46 17.43
N VAL A 67 -6.83 -13.76 16.29
CA VAL A 67 -6.68 -12.31 16.27
C VAL A 67 -7.91 -11.70 16.93
N PRO A 68 -7.76 -10.91 18.00
CA PRO A 68 -8.91 -10.36 18.70
C PRO A 68 -9.82 -9.56 17.77
N GLY A 69 -11.09 -9.95 17.74
CA GLY A 69 -12.08 -9.33 16.88
C GLY A 69 -12.36 -10.10 15.60
N PHE A 70 -11.42 -10.94 15.15
CA PHE A 70 -11.59 -11.64 13.89
C PHE A 70 -12.69 -12.68 13.94
N VAL A 71 -12.88 -13.33 15.09
CA VAL A 71 -13.93 -14.35 15.20
C VAL A 71 -15.32 -13.72 15.25
N ASP A 72 -15.41 -12.44 15.61
CA ASP A 72 -16.71 -11.76 15.65
C ASP A 72 -17.27 -11.49 14.25
N LEU A 73 -16.47 -11.66 13.21
CA LEU A 73 -16.94 -11.43 11.85
C LEU A 73 -17.67 -12.65 11.30
N THR A 74 -18.52 -12.40 10.32
CA THR A 74 -19.15 -13.50 9.60
C THR A 74 -18.08 -14.33 8.88
N LEU A 75 -18.47 -15.55 8.52
CA LEU A 75 -17.58 -16.42 7.77
C LEU A 75 -17.17 -15.79 6.45
N HIS A 76 -18.14 -15.21 5.72
CA HIS A 76 -17.84 -14.56 4.46
C HIS A 76 -16.83 -13.43 4.64
N ASP A 77 -17.00 -12.62 5.69
CA ASP A 77 -16.06 -11.51 5.93
C ASP A 77 -14.67 -12.03 6.27
N GLN A 78 -14.59 -13.14 7.02
CA GLN A 78 -13.29 -13.73 7.33
C GLN A 78 -12.61 -14.23 6.07
N VAL A 79 -13.35 -14.91 5.20
CA VAL A 79 -12.80 -15.39 3.93
C VAL A 79 -12.26 -14.21 3.13
N HIS A 80 -12.99 -13.09 3.10
CA HIS A 80 -12.55 -11.96 2.29
C HIS A 80 -11.24 -11.38 2.79
N LEU A 81 -11.12 -11.19 4.11
CA LEU A 81 -9.91 -10.57 4.65
C LEU A 81 -8.69 -11.43 4.41
N LEU A 82 -8.81 -12.75 4.62
CA LEU A 82 -7.68 -13.64 4.42
C LEU A 82 -7.30 -13.73 2.95
N GLU A 83 -8.29 -13.75 2.06
CA GLU A 83 -8.03 -13.77 0.61
C GLU A 83 -7.24 -12.54 0.18
N CYS A 84 -7.61 -11.39 0.73
CA CYS A 84 -6.98 -10.14 0.35
CA CYS A 84 -6.96 -10.14 0.36
C CYS A 84 -5.57 -9.97 0.95
N ALA A 85 -5.39 -10.48 2.17
CA ALA A 85 -4.18 -10.19 2.94
C ALA A 85 -3.12 -11.31 3.02
N TRP A 86 -3.41 -12.52 2.51
CA TRP A 86 -2.56 -13.66 2.85
C TRP A 86 -1.12 -13.47 2.39
N LEU A 87 -0.91 -12.99 1.17
CA LEU A 87 0.46 -12.82 0.70
C LEU A 87 1.15 -11.71 1.46
N GLU A 88 0.43 -10.62 1.77
CA GLU A 88 1.00 -9.58 2.62
C GLU A 88 1.49 -10.16 3.94
N ILE A 89 0.67 -11.01 4.55
CA ILE A 89 1.01 -11.56 5.86
C ILE A 89 2.19 -12.51 5.77
N LEU A 90 2.23 -13.34 4.73
CA LEU A 90 3.42 -14.17 4.50
C LEU A 90 4.66 -13.30 4.35
N MET A 91 4.54 -12.20 3.59
CA MET A 91 5.70 -11.36 3.30
C MET A 91 6.21 -10.66 4.55
N ILE A 92 5.32 -10.12 5.37
CA ILE A 92 5.80 -9.46 6.59
C ILE A 92 6.38 -10.48 7.55
N GLY A 93 5.89 -11.72 7.54
CA GLY A 93 6.52 -12.76 8.33
C GLY A 93 7.93 -13.07 7.85
N LEU A 94 8.07 -13.24 6.53
CA LEU A 94 9.39 -13.46 5.93
C LEU A 94 10.34 -12.32 6.27
N VAL A 95 9.92 -11.08 6.02
CA VAL A 95 10.74 -9.91 6.32
C VAL A 95 11.15 -9.90 7.78
N TRP A 96 10.20 -10.21 8.68
CA TRP A 96 10.47 -10.19 10.11
C TRP A 96 11.57 -11.18 10.49
N ARG A 97 11.40 -12.43 10.08
CA ARG A 97 12.39 -13.45 10.46
C ARG A 97 13.67 -13.34 9.65
N SER A 98 13.71 -12.50 8.62
CA SER A 98 14.93 -12.24 7.88
C SER A 98 15.72 -11.07 8.45
N MET A 99 15.24 -10.45 9.54
CA MET A 99 15.89 -9.26 10.08
C MET A 99 17.34 -9.52 10.44
N GLU A 100 17.59 -10.54 11.27
CA GLU A 100 18.93 -10.83 11.75
C GLU A 100 19.80 -11.53 10.71
N HIS A 101 19.44 -11.47 9.43
CA HIS A 101 20.25 -12.02 8.34
C HIS A 101 20.31 -11.00 7.22
N PRO A 102 21.08 -9.92 7.40
CA PRO A 102 21.10 -8.86 6.39
C PRO A 102 21.63 -9.37 5.06
N GLY A 103 20.99 -8.92 3.98
CA GLY A 103 21.35 -9.37 2.66
C GLY A 103 20.77 -10.70 2.23
N LYS A 104 20.00 -11.36 3.10
CA LYS A 104 19.41 -12.66 2.79
C LYS A 104 17.96 -12.68 3.27
N LEU A 105 17.20 -13.63 2.72
CA LEU A 105 15.81 -13.86 3.10
C LEU A 105 15.69 -15.25 3.71
N LEU A 106 15.23 -15.32 4.95
CA LEU A 106 15.12 -16.60 5.67
C LEU A 106 13.71 -17.14 5.44
N PHE A 107 13.54 -17.89 4.35
CA PHE A 107 12.25 -18.52 4.10
C PHE A 107 11.98 -19.60 5.13
N ALA A 108 13.00 -20.37 5.49
CA ALA A 108 12.98 -21.32 6.58
C ALA A 108 14.35 -21.34 7.21
N PRO A 109 14.49 -21.84 8.43
CA PRO A 109 15.83 -22.00 9.01
C PRO A 109 16.80 -22.75 8.11
N ASN A 110 16.31 -23.73 7.36
CA ASN A 110 17.14 -24.51 6.44
C ASN A 110 16.99 -24.05 4.99
N LEU A 111 16.49 -22.82 4.78
CA LEU A 111 16.31 -22.27 3.43
C LEU A 111 16.53 -20.76 3.53
N LEU A 112 17.79 -20.35 3.44
CA LEU A 112 18.22 -18.96 3.54
C LEU A 112 18.80 -18.56 2.19
N LEU A 113 18.12 -17.64 1.50
CA LEU A 113 18.46 -17.29 0.11
C LEU A 113 18.99 -15.87 0.02
N ASP A 114 19.88 -15.65 -0.94
CA ASP A 114 20.35 -14.32 -1.32
C ASP A 114 19.79 -13.95 -2.68
N ARG A 115 20.07 -12.72 -3.12
CA ARG A 115 19.44 -12.21 -4.32
C ARG A 115 19.92 -12.93 -5.57
N ASN A 116 21.15 -13.44 -5.56
CA ASN A 116 21.64 -14.19 -6.72
C ASN A 116 20.79 -15.43 -6.99
N GLN A 117 20.20 -16.00 -5.94
CA GLN A 117 19.32 -17.15 -6.11
C GLN A 117 17.92 -16.76 -6.55
N GLY A 118 17.52 -15.50 -6.30
CA GLY A 118 16.24 -15.03 -6.80
C GLY A 118 16.16 -14.96 -8.31
N LYS A 119 17.29 -14.85 -8.99
CA LYS A 119 17.29 -14.75 -10.44
C LYS A 119 16.94 -16.07 -11.13
N CYS A 120 16.76 -17.15 -10.37
CA CYS A 120 16.35 -18.41 -10.98
C CYS A 120 14.95 -18.34 -11.57
N VAL A 121 14.09 -17.50 -11.00
CA VAL A 121 12.71 -17.34 -11.46
C VAL A 121 12.55 -15.96 -12.07
N GLU A 122 11.82 -15.89 -13.17
CA GLU A 122 11.62 -14.62 -13.87
C GLU A 122 10.81 -13.66 -13.00
N GLY A 123 11.39 -12.50 -12.70
CA GLY A 123 10.72 -11.49 -11.92
C GLY A 123 10.84 -11.63 -10.42
N MET A 124 11.44 -12.72 -9.93
CA MET A 124 11.60 -12.90 -8.49
C MET A 124 12.59 -11.90 -7.90
N VAL A 125 13.66 -11.59 -8.65
CA VAL A 125 14.72 -10.75 -8.11
C VAL A 125 14.22 -9.35 -7.78
N GLU A 126 13.29 -8.81 -8.59
CA GLU A 126 12.75 -7.49 -8.32
C GLU A 126 12.04 -7.46 -6.97
N ILE A 127 11.17 -8.44 -6.72
CA ILE A 127 10.46 -8.50 -5.45
C ILE A 127 11.40 -8.90 -4.32
N PHE A 128 12.38 -9.75 -4.64
CA PHE A 128 13.41 -10.11 -3.67
C PHE A 128 14.06 -8.87 -3.08
N ASP A 129 14.52 -7.95 -3.93
CA ASP A 129 15.21 -6.75 -3.44
C ASP A 129 14.28 -5.91 -2.58
N MET A 130 13.01 -5.78 -2.98
CA MET A 130 12.06 -5.06 -2.15
C MET A 130 11.92 -5.70 -0.78
N LEU A 131 11.90 -7.04 -0.73
CA LEU A 131 11.82 -7.73 0.54
C LEU A 131 13.05 -7.48 1.38
N LEU A 132 14.24 -7.56 0.77
CA LEU A 132 15.47 -7.23 1.48
C LEU A 132 15.44 -5.80 1.99
N ALA A 133 14.98 -4.86 1.17
CA ALA A 133 14.90 -3.47 1.59
C ALA A 133 13.97 -3.30 2.78
N THR A 134 12.83 -4.01 2.78
CA THR A 134 11.91 -3.93 3.90
C THR A 134 12.54 -4.50 5.17
N SER A 135 13.29 -5.61 5.04
CA SER A 135 13.92 -6.23 6.20
C SER A 135 14.97 -5.31 6.79
N SER A 136 15.82 -4.72 5.95
CA SER A 136 16.81 -3.76 6.43
C SER A 136 16.13 -2.56 7.09
N ARG A 137 14.99 -2.13 6.53
CA ARG A 137 14.23 -1.04 7.14
C ARG A 137 13.78 -1.40 8.54
N PHE A 138 13.24 -2.62 8.72
CA PHE A 138 12.88 -3.09 10.06
C PHE A 138 14.09 -3.12 10.97
N ARG A 139 15.23 -3.57 10.45
CA ARG A 139 16.45 -3.67 11.25
C ARG A 139 16.89 -2.30 11.75
N MET A 140 16.88 -1.29 10.88
CA MET A 140 17.30 0.04 11.29
C MET A 140 16.32 0.66 12.27
N MET A 141 15.04 0.31 12.18
CA MET A 141 14.05 0.80 13.12
C MET A 141 14.06 0.06 14.44
N ASN A 142 14.74 -1.09 14.51
CA ASN A 142 14.73 -1.96 15.69
C ASN A 142 13.30 -2.41 16.01
N LEU A 143 12.62 -2.91 14.99
CA LEU A 143 11.26 -3.40 15.16
C LEU A 143 11.21 -4.51 16.20
N GLN A 144 10.37 -4.34 17.22
CA GLN A 144 10.20 -5.34 18.25
C GLN A 144 9.09 -6.31 17.88
N GLY A 145 9.14 -7.51 18.48
CA GLY A 145 8.15 -8.53 18.18
C GLY A 145 6.74 -8.11 18.55
N GLU A 146 6.59 -7.37 19.65
CA GLU A 146 5.28 -6.85 20.02
C GLU A 146 4.75 -5.88 18.97
N GLU A 147 5.63 -5.05 18.41
CA GLU A 147 5.23 -4.17 17.31
C GLU A 147 4.87 -4.98 16.06
N PHE A 148 5.66 -6.02 15.77
CA PHE A 148 5.44 -6.84 14.58
C PHE A 148 4.06 -7.49 14.58
N VAL A 149 3.68 -8.12 15.70
CA VAL A 149 2.40 -8.82 15.74
C VAL A 149 1.23 -7.85 15.61
N CYS A 150 1.40 -6.61 16.08
CA CYS A 150 0.37 -5.60 15.85
C CYS A 150 0.26 -5.26 14.37
N LEU A 151 1.40 -5.00 13.72
CA LEU A 151 1.39 -4.68 12.29
C LEU A 151 0.73 -5.79 11.48
N LYS A 152 1.06 -7.04 11.80
CA LYS A 152 0.52 -8.17 11.04
C LYS A 152 -1.00 -8.27 11.19
N SER A 153 -1.50 -8.10 12.42
CA SER A 153 -2.94 -8.10 12.60
C SER A 153 -3.61 -6.89 11.94
N ILE A 154 -2.92 -5.75 11.88
CA ILE A 154 -3.45 -4.60 11.16
C ILE A 154 -3.67 -4.96 9.69
N ILE A 155 -2.65 -5.56 9.06
CA ILE A 155 -2.76 -5.98 7.67
C ILE A 155 -3.98 -6.88 7.47
N LEU A 156 -4.17 -7.84 8.38
CA LEU A 156 -5.29 -8.76 8.26
C LEU A 156 -6.62 -8.02 8.25
N LEU A 157 -6.78 -7.04 9.14
CA LEU A 157 -8.06 -6.34 9.27
C LEU A 157 -8.20 -5.15 8.33
N ASN A 158 -7.09 -4.62 7.80
CA ASN A 158 -7.17 -3.42 6.98
C ASN A 158 -7.26 -3.71 5.49
N SER A 159 -6.47 -4.66 5.00
CA SER A 159 -6.26 -4.79 3.56
C SER A 159 -7.54 -5.02 2.78
N GLY A 160 -8.53 -5.67 3.40
CA GLY A 160 -9.75 -5.96 2.67
C GLY A 160 -10.97 -5.22 3.16
N VAL A 161 -10.79 -4.24 4.04
CA VAL A 161 -11.93 -3.58 4.67
C VAL A 161 -12.72 -2.70 3.71
N TYR A 162 -12.09 -2.19 2.64
CA TYR A 162 -12.76 -1.27 1.72
C TYR A 162 -13.31 -1.94 0.48
N THR A 163 -13.17 -3.25 0.37
CA THR A 163 -13.75 -4.01 -0.74
C THR A 163 -15.03 -4.74 -0.33
N PHE A 164 -15.69 -4.26 0.73
CA PHE A 164 -16.96 -4.82 1.17
C PHE A 164 -18.12 -4.19 0.43
N LYS A 175 -19.86 -2.36 9.79
CA LYS A 175 -18.59 -1.99 9.20
C LYS A 175 -17.67 -1.31 10.22
N ASP A 176 -18.28 -0.66 11.21
CA ASP A 176 -17.53 0.06 12.22
C ASP A 176 -16.76 -0.86 13.16
N HIS A 177 -17.08 -2.16 13.16
CA HIS A 177 -16.42 -3.08 14.08
C HIS A 177 -14.93 -3.18 13.80
N ILE A 178 -14.57 -3.50 12.56
CA ILE A 178 -13.16 -3.65 12.19
C ILE A 178 -12.40 -2.36 12.48
N HIS A 179 -13.00 -1.21 12.16
CA HIS A 179 -12.34 0.07 12.41
C HIS A 179 -12.19 0.33 13.92
N ARG A 180 -13.14 -0.13 14.73
CA ARG A 180 -12.96 -0.05 16.17
C ARG A 180 -11.82 -0.93 16.64
N VAL A 181 -11.64 -2.10 16.02
CA VAL A 181 -10.51 -2.94 16.38
C VAL A 181 -9.22 -2.32 15.90
N LEU A 182 -9.22 -1.74 14.70
CA LEU A 182 -8.03 -1.07 14.19
C LEU A 182 -7.56 0.04 15.12
N ASP A 183 -8.50 0.88 15.59
CA ASP A 183 -8.16 1.88 16.59
C ASP A 183 -7.57 1.23 17.83
N LYS A 184 -8.15 0.11 18.28
CA LYS A 184 -7.62 -0.59 19.45
C LYS A 184 -6.17 -0.98 19.25
N ILE A 185 -5.84 -1.52 18.08
CA ILE A 185 -4.45 -1.92 17.82
C ILE A 185 -3.54 -0.70 17.78
N THR A 186 -4.03 0.41 17.23
CA THR A 186 -3.26 1.66 17.28
C THR A 186 -2.97 2.06 18.73
N ASP A 187 -4.00 2.03 19.57
CA ASP A 187 -3.80 2.27 21.00
C ASP A 187 -2.72 1.34 21.56
N THR A 188 -2.75 0.07 21.14
CA THR A 188 -1.77 -0.88 21.65
C THR A 188 -0.36 -0.53 21.19
N LEU A 189 -0.21 -0.17 19.91
CA LEU A 189 1.10 0.22 19.39
C LEU A 189 1.68 1.40 20.16
N ILE A 190 0.86 2.43 20.39
CA ILE A 190 1.32 3.58 21.16
C ILE A 190 1.68 3.15 22.58
N HIS A 191 0.84 2.33 23.20
CA HIS A 191 1.12 1.80 24.53
C HIS A 191 2.48 1.12 24.59
N LEU A 192 2.81 0.33 23.56
CA LEU A 192 4.13 -0.31 23.50
C LEU A 192 5.24 0.71 23.37
N MET A 193 5.05 1.73 22.53
CA MET A 193 6.09 2.73 22.33
C MET A 193 6.28 3.60 23.57
N ALA A 194 5.23 3.79 24.35
CA ALA A 194 5.36 4.57 25.58
C ALA A 194 6.16 3.80 26.62
N LYS A 195 6.00 2.48 26.68
CA LYS A 195 6.77 1.68 27.62
C LYS A 195 8.26 1.72 27.30
N ALA A 196 8.61 1.64 26.02
CA ALA A 196 10.01 1.65 25.60
C ALA A 196 10.68 3.01 25.81
N GLY A 197 9.98 4.00 26.36
CA GLY A 197 10.60 5.27 26.72
C GLY A 197 10.51 6.35 25.67
N LEU A 198 9.83 6.11 24.55
CA LEU A 198 9.76 7.13 23.50
C LEU A 198 8.94 8.32 23.96
N THR A 199 9.38 9.51 23.58
CA THR A 199 8.62 10.71 23.86
C THR A 199 7.35 10.74 23.02
N LEU A 200 6.55 11.79 23.22
CA LEU A 200 5.31 11.92 22.45
C LEU A 200 5.60 12.09 20.97
N GLN A 201 6.58 12.93 20.63
CA GLN A 201 6.92 13.15 19.22
C GLN A 201 7.50 11.88 18.60
N GLN A 202 8.35 11.17 19.35
CA GLN A 202 8.89 9.91 18.85
C GLN A 202 7.80 8.86 18.68
N GLN A 203 6.76 8.92 19.51
CA GLN A 203 5.67 7.94 19.43
C GLN A 203 4.92 8.06 18.10
N HIS A 204 4.41 9.26 17.80
CA HIS A 204 3.63 9.39 16.57
C HIS A 204 4.50 9.36 15.32
N GLN A 205 5.78 9.72 15.43
CA GLN A 205 6.68 9.56 14.30
C GLN A 205 6.90 8.09 13.98
N ARG A 206 7.21 7.29 15.01
CA ARG A 206 7.44 5.87 14.79
C ARG A 206 6.18 5.17 14.29
N LEU A 207 5.02 5.50 14.88
CA LEU A 207 3.75 4.97 14.40
C LEU A 207 3.60 5.21 12.90
N ALA A 208 3.86 6.44 12.46
CA ALA A 208 3.73 6.76 11.04
C ALA A 208 4.72 5.97 10.20
N GLN A 209 5.96 5.86 10.67
CA GLN A 209 6.96 5.09 9.94
C GLN A 209 6.53 3.65 9.78
N LEU A 210 6.02 3.04 10.85
CA LEU A 210 5.60 1.64 10.76
C LEU A 210 4.46 1.48 9.77
N LEU A 211 3.47 2.37 9.83
CA LEU A 211 2.31 2.23 8.96
C LEU A 211 2.63 2.52 7.50
N LEU A 212 3.61 3.38 7.23
CA LEU A 212 3.95 3.65 5.84
C LEU A 212 4.61 2.45 5.18
N ILE A 213 5.33 1.63 5.96
CA ILE A 213 5.90 0.39 5.41
C ILE A 213 4.79 -0.55 4.95
N LEU A 214 3.61 -0.43 5.56
CA LEU A 214 2.49 -1.26 5.13
C LEU A 214 2.06 -0.95 3.70
N SER A 215 2.24 0.30 3.26
CA SER A 215 1.98 0.62 1.86
C SER A 215 2.93 -0.13 0.93
N HIS A 216 4.18 -0.27 1.33
CA HIS A 216 5.14 -0.99 0.50
CA HIS A 216 5.15 -1.00 0.51
C HIS A 216 4.89 -2.50 0.56
N ILE A 217 4.51 -3.02 1.72
CA ILE A 217 4.14 -4.43 1.82
C ILE A 217 2.96 -4.72 0.90
N ARG A 218 1.97 -3.83 0.89
CA ARG A 218 0.87 -3.97 -0.08
C ARG A 218 1.39 -3.96 -1.50
N HIS A 219 2.36 -3.08 -1.80
CA HIS A 219 2.92 -3.03 -3.15
C HIS A 219 3.61 -4.35 -3.50
N MET A 220 4.40 -4.88 -2.56
CA MET A 220 5.11 -6.12 -2.85
C MET A 220 4.14 -7.28 -3.07
N SER A 221 3.04 -7.32 -2.31
CA SER A 221 2.05 -8.37 -2.50
C SER A 221 1.39 -8.27 -3.86
N ASN A 222 1.01 -7.05 -4.27
CA ASN A 222 0.40 -6.86 -5.58
C ASN A 222 1.30 -7.38 -6.68
N LYS A 223 2.57 -6.98 -6.68
CA LYS A 223 3.50 -7.45 -7.69
C LYS A 223 3.79 -8.94 -7.54
N GLY A 224 3.82 -9.43 -6.30
CA GLY A 224 3.99 -10.86 -6.09
C GLY A 224 2.80 -11.66 -6.57
N MET A 225 1.59 -11.14 -6.37
CA MET A 225 0.39 -11.84 -6.84
C MET A 225 0.37 -11.94 -8.36
N GLU A 226 0.78 -10.87 -9.05
CA GLU A 226 0.85 -10.90 -10.50
C GLU A 226 1.72 -12.04 -10.99
N HIS A 227 2.83 -12.31 -10.30
CA HIS A 227 3.78 -13.30 -10.78
C HIS A 227 3.35 -14.72 -10.44
N LEU A 228 2.71 -14.92 -9.28
CA LEU A 228 2.14 -16.23 -8.98
C LEU A 228 1.04 -16.58 -9.97
N TYR A 229 0.34 -15.57 -10.50
CA TYR A 229 -0.65 -15.80 -11.54
C TYR A 229 0.00 -16.21 -12.85
N SER A 230 1.19 -15.67 -13.14
CA SER A 230 1.90 -16.07 -14.35
C SER A 230 2.48 -17.47 -14.20
N MET A 231 2.96 -17.81 -13.01
CA MET A 231 3.44 -19.17 -12.76
C MET A 231 2.31 -20.18 -12.89
N LYS A 232 1.08 -19.78 -12.54
CA LYS A 232 -0.10 -20.59 -12.79
C LYS A 232 -0.30 -20.77 -14.29
N CYS A 233 -0.16 -19.66 -15.02
CA CYS A 233 -0.32 -19.66 -16.46
C CYS A 233 0.81 -20.40 -17.17
N LYS A 234 1.97 -20.45 -16.54
CA LYS A 234 3.14 -21.09 -17.14
C LYS A 234 3.20 -22.57 -16.77
N ASN A 235 2.48 -22.95 -15.72
CA ASN A 235 2.45 -24.33 -15.23
C ASN A 235 3.86 -24.85 -14.95
N VAL A 236 4.69 -23.98 -14.35
CA VAL A 236 6.05 -24.37 -13.99
C VAL A 236 6.03 -25.45 -12.91
N VAL A 237 5.17 -25.28 -11.92
CA VAL A 237 5.04 -26.24 -10.82
C VAL A 237 3.55 -26.45 -10.55
N PRO A 238 3.11 -27.68 -10.30
CA PRO A 238 1.70 -27.89 -9.94
C PRO A 238 1.35 -27.15 -8.66
N LEU A 239 0.26 -26.39 -8.70
CA LEU A 239 -0.21 -25.63 -7.56
C LEU A 239 -1.31 -26.38 -6.83
N SER A 240 -1.37 -26.20 -5.52
CA SER A 240 -2.42 -26.83 -4.74
C SER A 240 -3.76 -26.18 -5.02
N ASP A 241 -4.83 -26.91 -4.68
CA ASP A 241 -6.17 -26.35 -4.79
C ASP A 241 -6.33 -25.13 -3.90
N LEU A 242 -5.79 -25.19 -2.69
CA LEU A 242 -5.92 -24.06 -1.76
C LEU A 242 -5.19 -22.83 -2.28
N LEU A 243 -3.98 -23.02 -2.83
CA LEU A 243 -3.26 -21.89 -3.38
C LEU A 243 -3.98 -21.33 -4.61
N LEU A 244 -4.51 -22.20 -5.46
CA LEU A 244 -5.25 -21.74 -6.63
C LEU A 244 -6.47 -20.92 -6.22
N GLU A 245 -7.15 -21.33 -5.16
CA GLU A 245 -8.32 -20.58 -4.72
C GLU A 245 -7.92 -19.24 -4.11
N MET A 246 -6.77 -19.18 -3.44
CA MET A 246 -6.26 -17.88 -2.97
C MET A 246 -5.83 -17.00 -4.13
N LEU A 247 -5.28 -17.59 -5.20
CA LEU A 247 -4.92 -16.82 -6.39
C LEU A 247 -6.15 -16.24 -7.07
N ASP A 248 -7.19 -17.05 -7.23
CA ASP A 248 -8.49 -16.53 -7.60
C ASP A 248 -8.97 -15.53 -6.54
N ALA A 249 -10.06 -14.82 -6.87
CA ALA A 249 -10.55 -13.63 -6.18
C ALA A 249 -9.54 -12.50 -6.14
N HIS A 250 -8.35 -12.68 -6.75
CA HIS A 250 -7.44 -11.57 -6.98
C HIS A 250 -7.38 -11.19 -8.45
N ARG A 251 -8.13 -11.87 -9.32
CA ARG A 251 -8.13 -11.60 -10.74
C ARG A 251 -9.54 -11.26 -11.21
N SER B 8 19.19 22.49 4.21
CA SER B 8 17.87 22.28 3.62
C SER B 8 16.84 23.22 4.22
N LEU B 9 15.94 23.72 3.37
CA LEU B 9 14.88 24.60 3.85
C LEU B 9 13.74 23.81 4.49
N ALA B 10 13.41 22.64 3.93
CA ALA B 10 12.22 21.91 4.38
C ALA B 10 12.30 21.55 5.86
N LEU B 11 13.51 21.25 6.35
CA LEU B 11 13.67 20.83 7.74
C LEU B 11 13.50 22.00 8.71
N SER B 12 13.77 23.23 8.27
CA SER B 12 13.62 24.39 9.14
C SER B 12 12.18 24.88 9.22
N LEU B 13 11.30 24.39 8.36
CA LEU B 13 9.94 24.91 8.28
C LEU B 13 9.13 24.49 9.50
N THR B 14 8.29 25.41 9.98
CA THR B 14 7.32 25.08 11.01
C THR B 14 6.14 24.34 10.39
N ALA B 15 5.29 23.78 11.25
CA ALA B 15 4.13 23.05 10.77
C ALA B 15 3.19 23.96 9.99
N ASP B 16 2.92 25.16 10.52
CA ASP B 16 2.03 26.09 9.84
C ASP B 16 2.62 26.54 8.51
N GLN B 17 3.94 26.78 8.48
CA GLN B 17 4.59 27.13 7.22
C GLN B 17 4.52 25.97 6.22
N MET B 18 4.66 24.74 6.72
CA MET B 18 4.53 23.57 5.86
C MET B 18 3.15 23.53 5.20
N VAL B 19 2.10 23.72 5.99
CA VAL B 19 0.73 23.68 5.47
C VAL B 19 0.54 24.75 4.39
N SER B 20 0.87 26.00 4.72
CA SER B 20 0.65 27.08 3.76
C SER B 20 1.46 26.85 2.48
N ALA B 21 2.70 26.37 2.62
CA ALA B 21 3.48 26.02 1.43
C ALA B 21 2.78 24.94 0.59
N LEU B 22 2.23 23.91 1.25
CA LEU B 22 1.57 22.84 0.52
C LEU B 22 0.27 23.33 -0.11
N LEU B 23 -0.51 24.14 0.60
CA LEU B 23 -1.76 24.66 0.06
C LEU B 23 -1.50 25.56 -1.14
N ASP B 24 -0.56 26.49 -1.00
CA ASP B 24 -0.24 27.42 -2.07
C ASP B 24 0.24 26.71 -3.33
N ALA B 25 0.71 25.48 -3.20
CA ALA B 25 1.23 24.73 -4.33
C ALA B 25 0.19 23.80 -4.95
N GLU B 26 -1.06 23.87 -4.50
CA GLU B 26 -2.09 22.99 -5.01
C GLU B 26 -2.27 23.21 -6.51
N PRO B 27 -2.26 22.15 -7.32
CA PRO B 27 -2.57 22.29 -8.74
C PRO B 27 -4.02 22.67 -8.94
N PRO B 28 -4.38 23.25 -10.08
CA PRO B 28 -5.78 23.56 -10.34
C PRO B 28 -6.55 22.32 -10.76
N ILE B 29 -7.88 22.42 -10.71
CA ILE B 29 -8.75 21.34 -11.13
C ILE B 29 -9.10 21.56 -12.60
N LEU B 30 -8.52 20.74 -13.47
CA LEU B 30 -8.67 20.91 -14.90
C LEU B 30 -10.02 20.40 -15.39
N TYR B 31 -10.42 20.87 -16.56
CA TYR B 31 -11.67 20.48 -17.19
C TYR B 31 -11.41 19.40 -18.23
N SER B 32 -12.47 18.64 -18.51
CA SER B 32 -12.46 17.59 -19.51
C SER B 32 -12.99 18.11 -20.85
N GLU B 33 -12.80 17.30 -21.88
CA GLU B 33 -13.39 17.55 -23.18
C GLU B 33 -14.76 16.88 -23.32
N TYR B 34 -15.41 16.57 -22.21
CA TYR B 34 -16.65 15.79 -22.23
C TYR B 34 -17.78 16.61 -22.85
N ASP B 35 -18.51 15.99 -23.78
CA ASP B 35 -19.68 16.57 -24.41
C ASP B 35 -20.91 15.80 -23.96
N PRO B 36 -21.82 16.43 -23.21
CA PRO B 36 -23.00 15.69 -22.73
C PRO B 36 -23.86 15.13 -23.84
N THR B 37 -23.94 15.82 -24.98
CA THR B 37 -24.74 15.33 -26.09
C THR B 37 -24.12 14.08 -26.71
N ARG B 38 -22.80 14.00 -26.74
CA ARG B 38 -22.13 12.85 -27.34
C ARG B 38 -22.35 11.60 -26.50
N PRO B 39 -22.50 10.44 -27.15
CA PRO B 39 -22.71 9.20 -26.41
C PRO B 39 -21.40 8.57 -25.95
N PHE B 40 -21.52 7.65 -25.01
CA PHE B 40 -20.36 7.03 -24.39
C PHE B 40 -19.93 5.76 -25.14
N SER B 41 -18.63 5.62 -25.32
CA SER B 41 -18.01 4.37 -25.71
C SER B 41 -16.79 4.17 -24.83
N GLU B 42 -16.41 2.89 -24.64
CA GLU B 42 -15.22 2.59 -23.84
C GLU B 42 -14.01 3.34 -24.36
N ALA B 43 -13.90 3.50 -25.68
CA ALA B 43 -12.79 4.25 -26.25
C ALA B 43 -12.90 5.74 -25.94
N SER B 44 -14.11 6.29 -25.98
CA SER B 44 -14.29 7.71 -25.76
C SER B 44 -14.04 8.09 -24.31
N MET B 45 -14.62 7.34 -23.38
CA MET B 45 -14.44 7.65 -21.96
C MET B 45 -12.98 7.53 -21.53
N MET B 46 -12.31 6.44 -21.95
CA MET B 46 -10.90 6.31 -21.62
C MET B 46 -10.05 7.36 -22.34
N GLY B 47 -10.46 7.76 -23.54
CA GLY B 47 -9.76 8.83 -24.22
C GLY B 47 -9.88 10.16 -23.49
N LEU B 48 -11.07 10.47 -22.98
CA LEU B 48 -11.24 11.66 -22.16
C LEU B 48 -10.40 11.59 -20.89
N LEU B 49 -10.42 10.43 -20.21
CA LEU B 49 -9.63 10.28 -18.99
C LEU B 49 -8.13 10.35 -19.29
N THR B 50 -7.70 9.72 -20.38
CA THR B 50 -6.29 9.78 -20.76
C THR B 50 -5.87 11.19 -21.12
N ASN B 51 -6.69 11.91 -21.89
CA ASN B 51 -6.41 13.30 -22.19
C ASN B 51 -6.35 14.13 -20.90
N LEU B 52 -7.25 13.85 -19.96
CA LEU B 52 -7.28 14.61 -18.72
C LEU B 52 -6.04 14.34 -17.87
N ALA B 53 -5.75 13.06 -17.62
CA ALA B 53 -4.61 12.72 -16.76
C ALA B 53 -3.30 13.21 -17.35
N ASP B 54 -3.17 13.16 -18.68
CA ASP B 54 -1.96 13.65 -19.32
C ASP B 54 -1.75 15.13 -19.05
N ARG B 55 -2.84 15.91 -18.97
CA ARG B 55 -2.68 17.33 -18.63
C ARG B 55 -2.44 17.51 -17.13
N GLU B 56 -3.09 16.69 -16.30
CA GLU B 56 -2.84 16.74 -14.86
C GLU B 56 -1.39 16.42 -14.53
N LEU B 57 -0.76 15.53 -15.30
CA LEU B 57 0.62 15.15 -15.03
C LEU B 57 1.56 16.34 -15.11
N VAL B 58 1.31 17.25 -16.06
CA VAL B 58 2.17 18.42 -16.21
C VAL B 58 2.11 19.29 -14.96
N HIS B 59 0.89 19.52 -14.45
CA HIS B 59 0.75 20.27 -13.20
C HIS B 59 1.34 19.49 -12.03
N MET B 60 1.14 18.18 -12.00
CA MET B 60 1.71 17.38 -10.92
C MET B 60 3.23 17.53 -10.87
N ILE B 61 3.88 17.50 -12.04
CA ILE B 61 5.33 17.60 -12.08
C ILE B 61 5.79 18.93 -11.50
N ASN B 62 5.12 20.03 -11.85
CA ASN B 62 5.47 21.32 -11.28
C ASN B 62 5.00 21.45 -9.84
N TRP B 63 3.93 20.75 -9.45
CA TRP B 63 3.55 20.72 -8.04
C TRP B 63 4.59 19.99 -7.21
N ALA B 64 5.18 18.93 -7.76
CA ALA B 64 6.16 18.17 -6.99
C ALA B 64 7.40 19.00 -6.70
N LYS B 65 7.80 19.87 -7.64
CA LYS B 65 8.92 20.77 -7.40
C LYS B 65 8.67 21.66 -6.20
N ARG B 66 7.41 21.96 -5.89
CA ARG B 66 7.04 22.81 -4.77
C ARG B 66 6.91 22.06 -3.45
N VAL B 67 6.97 20.74 -3.47
CA VAL B 67 6.87 19.97 -2.22
C VAL B 67 8.17 20.15 -1.43
N PRO B 68 8.10 20.55 -0.16
CA PRO B 68 9.33 20.77 0.62
C PRO B 68 10.22 19.54 0.64
N GLY B 69 11.50 19.75 0.37
CA GLY B 69 12.47 18.68 0.33
C GLY B 69 12.62 18.00 -1.00
N PHE B 70 11.66 18.15 -1.91
CA PHE B 70 11.71 17.44 -3.18
C PHE B 70 12.85 17.94 -4.05
N VAL B 71 13.12 19.24 -4.03
CA VAL B 71 14.21 19.78 -4.85
C VAL B 71 15.58 19.46 -4.27
N ASP B 72 15.66 19.21 -2.96
CA ASP B 72 16.93 18.77 -2.37
C ASP B 72 17.38 17.44 -2.94
N LEU B 73 16.46 16.64 -3.46
CA LEU B 73 16.81 15.33 -3.99
C LEU B 73 17.50 15.47 -5.33
N THR B 74 18.29 14.46 -5.68
CA THR B 74 18.89 14.41 -7.00
C THR B 74 17.78 14.30 -8.04
N LEU B 75 18.13 14.71 -9.26
CA LEU B 75 17.15 14.65 -10.35
C LEU B 75 16.72 13.22 -10.63
N HIS B 76 17.66 12.27 -10.56
CA HIS B 76 17.33 10.88 -10.84
C HIS B 76 16.32 10.34 -9.84
N ASP B 77 16.43 10.74 -8.57
CA ASP B 77 15.46 10.31 -7.57
C ASP B 77 14.11 10.98 -7.78
N GLN B 78 14.10 12.23 -8.26
CA GLN B 78 12.83 12.89 -8.55
C GLN B 78 12.05 12.13 -9.62
N VAL B 79 12.73 11.70 -10.67
CA VAL B 79 12.08 10.91 -11.72
C VAL B 79 11.47 9.65 -11.14
N HIS B 80 12.25 8.93 -10.32
CA HIS B 80 11.80 7.64 -9.81
C HIS B 80 10.61 7.78 -8.87
N LEU B 81 10.65 8.78 -7.99
CA LEU B 81 9.52 9.00 -7.07
C LEU B 81 8.23 9.26 -7.85
N LEU B 82 8.29 10.16 -8.84
CA LEU B 82 7.09 10.47 -9.61
C LEU B 82 6.67 9.29 -10.47
N GLU B 83 7.63 8.55 -11.02
CA GLU B 83 7.31 7.40 -11.86
C GLU B 83 6.55 6.34 -11.06
N CYS B 84 6.84 6.21 -9.78
N CYS B 84 6.87 6.19 -9.79
CA CYS B 84 6.20 5.20 -8.96
CA CYS B 84 6.20 5.20 -8.96
C CYS B 84 4.87 5.70 -8.37
C CYS B 84 4.87 5.70 -8.39
N ALA B 85 4.80 6.99 -8.08
CA ALA B 85 3.66 7.55 -7.35
C ALA B 85 2.59 8.29 -8.17
N TRP B 86 2.79 8.48 -9.48
CA TRP B 86 1.96 9.43 -10.22
C TRP B 86 0.48 9.04 -10.22
N LEU B 87 0.18 7.75 -10.35
CA LEU B 87 -1.23 7.34 -10.36
C LEU B 87 -1.81 7.36 -8.95
N GLU B 88 -1.01 7.05 -7.93
CA GLU B 88 -1.47 7.23 -6.56
C GLU B 88 -1.88 8.68 -6.30
N ILE B 89 -1.11 9.63 -6.82
CA ILE B 89 -1.39 11.04 -6.59
C ILE B 89 -2.60 11.49 -7.39
N LEU B 90 -2.70 11.06 -8.66
CA LEU B 90 -3.91 11.34 -9.43
C LEU B 90 -5.15 10.79 -8.73
N MET B 91 -5.04 9.58 -8.16
CA MET B 91 -6.21 8.94 -7.57
C MET B 91 -6.63 9.61 -6.26
N ILE B 92 -5.67 10.01 -5.43
CA ILE B 92 -6.08 10.62 -4.17
C ILE B 92 -6.63 12.02 -4.42
N GLY B 93 -6.14 12.72 -5.46
CA GLY B 93 -6.75 13.96 -5.85
C GLY B 93 -8.18 13.75 -6.35
N LEU B 94 -8.36 12.73 -7.20
CA LEU B 94 -9.70 12.38 -7.67
C LEU B 94 -10.63 12.09 -6.51
N VAL B 95 -10.20 11.23 -5.57
CA VAL B 95 -11.01 10.89 -4.42
C VAL B 95 -11.31 12.13 -3.58
N TRP B 96 -10.31 13.02 -3.43
CA TRP B 96 -10.50 14.22 -2.62
C TRP B 96 -11.62 15.09 -3.19
N ARG B 97 -11.50 15.49 -4.46
CA ARG B 97 -12.52 16.37 -5.01
C ARG B 97 -13.86 15.69 -5.20
N SER B 98 -13.97 14.38 -4.95
CA SER B 98 -15.22 13.66 -5.08
C SER B 98 -15.93 13.47 -3.74
N MET B 99 -15.39 14.01 -2.64
CA MET B 99 -15.98 13.78 -1.32
C MET B 99 -17.44 14.22 -1.28
N GLU B 100 -17.71 15.48 -1.63
CA GLU B 100 -19.06 16.03 -1.58
C GLU B 100 -20.01 15.46 -2.64
N HIS B 101 -19.64 14.42 -3.39
CA HIS B 101 -20.49 13.85 -4.44
C HIS B 101 -20.64 12.36 -4.17
N PRO B 102 -21.53 11.98 -3.26
CA PRO B 102 -21.68 10.55 -2.92
C PRO B 102 -22.07 9.72 -4.13
N GLY B 103 -21.44 8.55 -4.24
CA GLY B 103 -21.73 7.63 -5.32
C GLY B 103 -21.24 8.06 -6.69
N LYS B 104 -20.47 9.14 -6.79
CA LYS B 104 -19.97 9.61 -8.07
C LYS B 104 -18.50 10.00 -7.95
N LEU B 105 -17.79 9.89 -9.06
CA LEU B 105 -16.39 10.31 -9.15
C LEU B 105 -16.31 11.56 -10.01
N LEU B 106 -15.80 12.65 -9.43
CA LEU B 106 -15.65 13.92 -10.14
C LEU B 106 -14.25 13.95 -10.76
N PHE B 107 -14.15 13.35 -11.95
CA PHE B 107 -12.90 13.44 -12.70
C PHE B 107 -12.61 14.88 -13.11
N ALA B 108 -13.65 15.64 -13.43
CA ALA B 108 -13.54 17.05 -13.76
C ALA B 108 -14.86 17.71 -13.37
N PRO B 109 -14.87 19.03 -13.21
CA PRO B 109 -16.15 19.70 -12.90
C PRO B 109 -17.24 19.43 -13.92
N ASN B 110 -16.87 19.09 -15.15
CA ASN B 110 -17.82 18.74 -16.20
C ASN B 110 -17.85 17.25 -16.49
N LEU B 111 -17.16 16.42 -15.71
CA LEU B 111 -17.12 14.97 -15.92
C LEU B 111 -17.38 14.26 -14.60
N LEU B 112 -18.65 14.01 -14.31
CA LEU B 112 -19.08 13.38 -13.07
C LEU B 112 -19.70 12.03 -13.43
N LEU B 113 -19.08 10.94 -12.96
CA LEU B 113 -19.46 9.60 -13.37
C LEU B 113 -19.93 8.78 -12.19
N ASP B 114 -20.96 7.95 -12.42
CA ASP B 114 -21.36 6.91 -11.49
C ASP B 114 -20.84 5.55 -11.97
N ARG B 115 -20.90 4.55 -11.09
CA ARG B 115 -20.30 3.26 -11.40
C ARG B 115 -21.01 2.55 -12.54
N ASN B 116 -22.25 2.94 -12.85
CA ASN B 116 -22.93 2.36 -14.01
C ASN B 116 -22.23 2.73 -15.31
N GLN B 117 -21.74 3.96 -15.41
CA GLN B 117 -21.01 4.39 -16.59
C GLN B 117 -19.56 3.89 -16.59
N GLY B 118 -18.99 3.61 -15.41
CA GLY B 118 -17.67 3.02 -15.34
C GLY B 118 -17.61 1.60 -15.87
N LYS B 119 -18.74 0.90 -15.90
CA LYS B 119 -18.79 -0.45 -16.46
C LYS B 119 -18.59 -0.48 -17.97
N CYS B 120 -18.68 0.68 -18.64
CA CYS B 120 -18.43 0.72 -20.07
C CYS B 120 -17.02 0.27 -20.44
N VAL B 121 -16.08 0.34 -19.50
CA VAL B 121 -14.74 -0.18 -19.69
C VAL B 121 -14.63 -1.51 -18.98
N GLU B 122 -14.07 -2.51 -19.65
CA GLU B 122 -13.97 -3.84 -19.10
C GLU B 122 -13.07 -3.87 -17.87
N GLY B 123 -13.57 -4.42 -16.78
CA GLY B 123 -12.80 -4.54 -15.55
C GLY B 123 -12.62 -3.26 -14.77
N MET B 124 -13.05 -2.11 -15.30
CA MET B 124 -12.89 -0.84 -14.62
C MET B 124 -13.91 -0.63 -13.50
N VAL B 125 -14.92 -1.49 -13.39
CA VAL B 125 -15.94 -1.30 -12.37
C VAL B 125 -15.37 -1.56 -10.97
N GLU B 126 -14.46 -2.53 -10.86
CA GLU B 126 -13.94 -2.90 -9.53
C GLU B 126 -13.13 -1.76 -8.93
N ILE B 127 -12.31 -1.08 -9.73
CA ILE B 127 -11.52 0.02 -9.20
C ILE B 127 -12.39 1.24 -8.93
N PHE B 128 -13.43 1.44 -9.74
CA PHE B 128 -14.38 2.51 -9.49
C PHE B 128 -14.98 2.40 -8.10
N ASP B 129 -15.40 1.18 -7.70
CA ASP B 129 -15.98 0.98 -6.39
C ASP B 129 -14.98 1.25 -5.28
N MET B 130 -13.70 0.95 -5.50
CA MET B 130 -12.70 1.22 -4.48
C MET B 130 -12.47 2.71 -4.31
N LEU B 131 -12.36 3.44 -5.43
CA LEU B 131 -12.27 4.89 -5.35
C LEU B 131 -13.47 5.48 -4.63
N LEU B 132 -14.67 4.99 -4.96
CA LEU B 132 -15.88 5.43 -4.28
C LEU B 132 -15.80 5.16 -2.77
N ALA B 133 -15.41 3.93 -2.40
CA ALA B 133 -15.30 3.59 -0.98
C ALA B 133 -14.25 4.46 -0.30
N THR B 134 -13.13 4.72 -0.97
CA THR B 134 -12.13 5.63 -0.42
C THR B 134 -12.70 7.03 -0.25
N SER B 135 -13.46 7.51 -1.25
CA SER B 135 -14.04 8.84 -1.15
C SER B 135 -15.07 8.92 -0.03
N SER B 136 -15.95 7.92 0.04
CA SER B 136 -16.89 7.85 1.15
C SER B 136 -16.16 7.79 2.49
N ARG B 137 -15.02 7.08 2.54
CA ARG B 137 -14.25 7.00 3.77
C ARG B 137 -13.74 8.37 4.19
N PHE B 138 -13.26 9.18 3.24
CA PHE B 138 -12.86 10.55 3.55
C PHE B 138 -14.03 11.36 4.08
N ARG B 139 -15.25 11.09 3.61
CA ARG B 139 -16.41 11.82 4.09
C ARG B 139 -16.69 11.50 5.56
N MET B 140 -16.75 10.22 5.90
CA MET B 140 -16.98 9.82 7.29
C MET B 140 -15.91 10.39 8.21
N MET B 141 -14.68 10.50 7.73
CA MET B 141 -13.59 11.07 8.53
C MET B 141 -13.61 12.59 8.53
N ASN B 142 -14.41 13.23 7.68
CA ASN B 142 -14.40 14.68 7.54
C ASN B 142 -12.99 15.18 7.28
N LEU B 143 -12.32 14.53 6.33
CA LEU B 143 -10.94 14.87 6.01
C LEU B 143 -10.84 16.34 5.60
N GLN B 144 -9.80 17.01 6.09
CA GLN B 144 -9.59 18.43 5.83
C GLN B 144 -8.58 18.63 4.71
N GLY B 145 -8.70 19.77 4.03
CA GLY B 145 -7.76 20.09 2.96
C GLY B 145 -6.31 20.13 3.43
N GLU B 146 -6.09 20.59 4.67
CA GLU B 146 -4.74 20.62 5.22
C GLU B 146 -4.19 19.21 5.47
N GLU B 147 -5.07 18.26 5.81
CA GLU B 147 -4.63 16.88 5.96
C GLU B 147 -4.41 16.22 4.61
N PHE B 148 -5.25 16.56 3.62
CA PHE B 148 -5.13 15.97 2.29
C PHE B 148 -3.79 16.30 1.65
N VAL B 149 -3.37 17.57 1.74
CA VAL B 149 -2.12 17.96 1.10
C VAL B 149 -0.92 17.32 1.80
N CYS B 150 -1.03 17.08 3.11
CA CYS B 150 0.00 16.30 3.79
C CYS B 150 0.02 14.87 3.25
N LEU B 151 -1.14 14.24 3.15
CA LEU B 151 -1.22 12.86 2.65
C LEU B 151 -0.64 12.74 1.25
N LYS B 152 -1.03 13.68 0.36
CA LYS B 152 -0.55 13.64 -1.02
C LYS B 152 0.97 13.80 -1.07
N SER B 153 1.53 14.67 -0.24
CA SER B 153 2.98 14.82 -0.20
C SER B 153 3.65 13.57 0.37
N ILE B 154 3.02 12.94 1.37
CA ILE B 154 3.58 11.70 1.91
C ILE B 154 3.68 10.64 0.82
N ILE B 155 2.64 10.51 -0.01
CA ILE B 155 2.65 9.55 -1.10
C ILE B 155 3.84 9.80 -2.02
N LEU B 156 4.02 11.07 -2.42
CA LEU B 156 5.11 11.42 -3.32
C LEU B 156 6.45 10.94 -2.80
N LEU B 157 6.70 11.17 -1.51
CA LEU B 157 8.01 10.84 -0.96
C LEU B 157 8.12 9.38 -0.54
N ASN B 158 7.00 8.75 -0.17
CA ASN B 158 7.08 7.42 0.43
C ASN B 158 6.96 6.29 -0.59
N SER B 159 6.18 6.47 -1.65
CA SER B 159 5.83 5.35 -2.52
C SER B 159 7.02 4.79 -3.29
N GLY B 160 8.11 5.53 -3.42
CA GLY B 160 9.24 5.04 -4.17
C GLY B 160 10.55 5.02 -3.42
N VAL B 161 10.48 5.15 -2.08
CA VAL B 161 11.70 5.28 -1.30
C VAL B 161 12.36 3.91 -1.05
N TYR B 162 11.58 2.83 -1.04
CA TYR B 162 12.11 1.49 -0.81
C TYR B 162 12.34 0.72 -2.10
N THR B 163 12.55 1.42 -3.21
CA THR B 163 12.75 0.76 -4.50
C THR B 163 13.73 1.52 -5.39
N PHE B 164 14.68 2.22 -4.77
CA PHE B 164 15.72 2.93 -5.52
C PHE B 164 16.68 1.94 -6.18
N LYS B 170 27.01 4.51 -3.28
CA LYS B 170 26.60 3.93 -2.01
C LYS B 170 26.07 5.01 -1.08
N SER B 171 25.81 6.19 -1.64
CA SER B 171 25.31 7.32 -0.86
C SER B 171 23.85 7.11 -0.49
N LEU B 172 23.60 6.48 0.66
CA LEU B 172 22.24 6.27 1.16
C LEU B 172 21.70 7.47 1.92
N GLU B 173 22.41 8.60 1.91
CA GLU B 173 21.96 9.80 2.61
C GLU B 173 20.73 10.42 1.97
N GLU B 174 20.34 9.96 0.77
CA GLU B 174 19.12 10.45 0.15
C GLU B 174 17.88 9.97 0.90
N LYS B 175 17.91 8.71 1.37
CA LYS B 175 16.75 8.16 2.07
C LYS B 175 16.61 8.77 3.46
N ASP B 176 17.71 9.05 4.13
CA ASP B 176 17.64 9.68 5.45
C ASP B 176 17.02 11.06 5.38
N HIS B 177 17.36 11.82 4.33
CA HIS B 177 16.74 13.13 4.14
C HIS B 177 15.24 12.99 3.87
N ILE B 178 14.86 11.97 3.11
CA ILE B 178 13.45 11.74 2.82
C ILE B 178 12.70 11.34 4.09
N HIS B 179 13.31 10.51 4.92
CA HIS B 179 12.65 10.10 6.16
C HIS B 179 12.55 11.27 7.14
N ARG B 180 13.52 12.18 7.12
CA ARG B 180 13.42 13.38 7.96
C ARG B 180 12.26 14.26 7.52
N VAL B 181 12.07 14.42 6.20
CA VAL B 181 10.95 15.22 5.72
C VAL B 181 9.63 14.51 6.00
N LEU B 182 9.59 13.19 5.77
CA LEU B 182 8.40 12.41 6.13
C LEU B 182 8.05 12.60 7.59
N ASP B 183 9.05 12.50 8.47
CA ASP B 183 8.80 12.72 9.89
C ASP B 183 8.29 14.14 10.15
N LYS B 184 8.78 15.13 9.40
CA LYS B 184 8.30 16.50 9.58
C LYS B 184 6.83 16.62 9.19
N ILE B 185 6.42 15.88 8.16
CA ILE B 185 5.01 15.91 7.75
C ILE B 185 4.14 15.23 8.78
N THR B 186 4.62 14.14 9.38
CA THR B 186 3.89 13.51 10.47
C THR B 186 3.68 14.51 11.61
N ASP B 187 4.75 15.23 11.98
CA ASP B 187 4.61 16.31 12.95
C ASP B 187 3.53 17.31 12.53
N THR B 188 3.46 17.60 11.23
CA THR B 188 2.47 18.57 10.75
C THR B 188 1.05 18.04 10.93
N LEU B 189 0.79 16.80 10.51
CA LEU B 189 -0.53 16.22 10.67
C LEU B 189 -0.98 16.26 12.13
N ILE B 190 -0.09 15.87 13.05
CA ILE B 190 -0.43 15.88 14.47
C ILE B 190 -0.74 17.30 14.93
N HIS B 191 0.06 18.28 14.49
CA HIS B 191 -0.19 19.67 14.85
C HIS B 191 -1.58 20.12 14.39
N LEU B 192 -1.99 19.70 13.19
CA LEU B 192 -3.31 20.03 12.70
C LEU B 192 -4.40 19.42 13.57
N MET B 193 -4.28 18.12 13.86
CA MET B 193 -5.30 17.44 14.67
C MET B 193 -5.38 18.02 16.08
N ALA B 194 -4.26 18.44 16.65
CA ALA B 194 -4.29 19.05 17.97
C ALA B 194 -5.06 20.37 17.96
N LYS B 195 -4.95 21.14 16.86
CA LYS B 195 -5.71 22.38 16.76
C LYS B 195 -7.20 22.13 16.67
N ALA B 196 -7.61 21.05 16.00
CA ALA B 196 -9.03 20.72 15.87
C ALA B 196 -9.65 20.22 17.17
N GLY B 197 -8.91 20.19 18.28
CA GLY B 197 -9.46 19.81 19.56
C GLY B 197 -9.35 18.34 19.90
N LEU B 198 -8.73 17.52 19.05
CA LEU B 198 -8.67 16.10 19.30
C LEU B 198 -7.75 15.79 20.47
N THR B 199 -8.14 14.81 21.28
CA THR B 199 -7.27 14.32 22.34
C THR B 199 -6.11 13.53 21.74
N LEU B 200 -5.11 13.27 22.58
CA LEU B 200 -3.92 12.55 22.11
C LEU B 200 -4.27 11.16 21.61
N GLN B 201 -5.20 10.48 22.28
CA GLN B 201 -5.67 9.18 21.78
C GLN B 201 -6.37 9.35 20.44
N GLN B 202 -7.15 10.42 20.29
CA GLN B 202 -7.83 10.68 19.02
C GLN B 202 -6.82 11.09 17.93
N GLN B 203 -5.76 11.78 18.31
CA GLN B 203 -4.75 12.19 17.34
C GLN B 203 -4.06 10.99 16.73
N HIS B 204 -3.54 10.08 17.58
CA HIS B 204 -2.87 8.90 17.08
C HIS B 204 -3.80 8.04 16.23
N GLN B 205 -5.02 7.81 16.72
CA GLN B 205 -5.98 7.00 15.98
C GLN B 205 -6.23 7.57 14.58
N ARG B 206 -6.59 8.87 14.51
CA ARG B 206 -6.82 9.49 13.21
C ARG B 206 -5.57 9.41 12.34
N LEU B 207 -4.40 9.71 12.92
CA LEU B 207 -3.14 9.59 12.18
C LEU B 207 -2.99 8.19 11.59
N ALA B 208 -3.31 7.16 12.36
CA ALA B 208 -3.23 5.80 11.84
C ALA B 208 -4.27 5.56 10.76
N GLN B 209 -5.50 6.04 11.00
CA GLN B 209 -6.58 5.85 10.02
C GLN B 209 -6.20 6.48 8.67
N LEU B 210 -5.62 7.67 8.69
CA LEU B 210 -5.25 8.34 7.46
C LEU B 210 -4.18 7.54 6.70
N LEU B 211 -3.15 7.09 7.41
CA LEU B 211 -2.05 6.41 6.75
C LEU B 211 -2.45 5.01 6.28
N LEU B 212 -3.37 4.35 6.99
CA LEU B 212 -3.86 3.06 6.50
C LEU B 212 -4.56 3.21 5.16
N ILE B 213 -5.24 4.34 4.93
CA ILE B 213 -5.91 4.56 3.65
C ILE B 213 -4.89 4.56 2.52
N LEU B 214 -3.69 5.08 2.77
CA LEU B 214 -2.64 5.08 1.76
C LEU B 214 -2.32 3.67 1.28
N SER B 215 -2.48 2.68 2.15
CA SER B 215 -2.31 1.29 1.73
C SER B 215 -3.32 0.93 0.64
N HIS B 216 -4.57 1.39 0.79
CA HIS B 216 -5.58 1.12 -0.22
C HIS B 216 -5.34 1.92 -1.49
N ILE B 217 -4.76 3.12 -1.36
CA ILE B 217 -4.45 3.89 -2.55
C ILE B 217 -3.34 3.23 -3.34
N ARG B 218 -2.35 2.66 -2.64
CA ARG B 218 -1.33 1.86 -3.33
C ARG B 218 -1.97 0.71 -4.10
N HIS B 219 -2.92 0.02 -3.46
CA HIS B 219 -3.58 -1.12 -4.09
C HIS B 219 -4.34 -0.68 -5.33
N MET B 220 -5.09 0.42 -5.24
CA MET B 220 -5.84 0.91 -6.38
C MET B 220 -4.92 1.29 -7.54
N SER B 221 -3.81 1.97 -7.23
CA SER B 221 -2.85 2.34 -8.28
C SER B 221 -2.29 1.11 -8.97
N ASN B 222 -1.81 0.13 -8.19
CA ASN B 222 -1.27 -1.10 -8.76
C ASN B 222 -2.28 -1.77 -9.68
N LYS B 223 -3.52 -1.91 -9.22
CA LYS B 223 -4.58 -2.46 -10.07
C LYS B 223 -4.81 -1.58 -11.29
N GLY B 224 -4.95 -0.26 -11.07
CA GLY B 224 -5.14 0.63 -12.20
C GLY B 224 -3.97 0.59 -13.18
N MET B 225 -2.76 0.47 -12.65
CA MET B 225 -1.58 0.41 -13.50
C MET B 225 -1.63 -0.81 -14.43
N GLU B 226 -2.04 -1.96 -13.91
CA GLU B 226 -2.09 -3.13 -14.76
C GLU B 226 -3.26 -3.07 -15.74
N HIS B 227 -4.32 -2.34 -15.42
CA HIS B 227 -5.37 -2.11 -16.41
C HIS B 227 -4.90 -1.20 -17.53
N LEU B 228 -3.98 -0.27 -17.24
CA LEU B 228 -3.47 0.60 -18.29
C LEU B 228 -2.51 -0.15 -19.21
N TYR B 229 -1.85 -1.19 -18.71
CA TYR B 229 -1.08 -2.08 -19.59
C TYR B 229 -1.98 -2.66 -20.68
N SER B 230 -3.11 -3.22 -20.28
CA SER B 230 -3.97 -3.93 -21.22
C SER B 230 -4.47 -3.00 -22.32
N MET B 231 -4.90 -1.79 -21.96
CA MET B 231 -5.36 -0.84 -22.97
C MET B 231 -4.24 -0.46 -23.92
N LYS B 232 -3.02 -0.32 -23.40
CA LYS B 232 -1.85 -0.06 -24.23
C LYS B 232 -1.68 -1.16 -25.28
N CYS B 233 -1.60 -2.41 -24.82
CA CYS B 233 -1.53 -3.54 -25.74
C CYS B 233 -2.77 -3.71 -26.60
N LYS B 234 -3.95 -3.44 -26.04
CA LYS B 234 -5.19 -3.50 -26.80
C LYS B 234 -5.17 -2.49 -27.93
N ASN B 235 -4.53 -1.34 -27.68
CA ASN B 235 -4.30 -0.27 -28.65
C ASN B 235 -5.57 0.43 -29.10
N VAL B 236 -6.74 0.06 -28.56
CA VAL B 236 -7.97 0.76 -28.93
C VAL B 236 -7.91 2.21 -28.45
N VAL B 237 -7.38 2.43 -27.24
CA VAL B 237 -7.22 3.78 -26.69
C VAL B 237 -5.76 4.18 -26.91
N PRO B 238 -5.48 5.19 -27.73
CA PRO B 238 -4.12 5.71 -27.81
C PRO B 238 -3.71 6.32 -26.48
N LEU B 239 -2.43 6.22 -26.17
CA LEU B 239 -1.86 6.79 -24.96
C LEU B 239 -0.87 7.88 -25.32
N SER B 240 -0.91 8.98 -24.57
CA SER B 240 0.01 10.08 -24.80
C SER B 240 1.44 9.63 -24.56
N ASP B 241 2.39 10.37 -25.15
CA ASP B 241 3.80 10.01 -25.03
C ASP B 241 4.25 10.03 -23.56
N LEU B 242 3.77 11.00 -22.80
CA LEU B 242 4.15 11.07 -21.39
C LEU B 242 3.58 9.90 -20.60
N LEU B 243 2.31 9.56 -20.82
CA LEU B 243 1.69 8.47 -20.07
C LEU B 243 2.31 7.12 -20.43
N LEU B 244 2.69 6.94 -21.70
CA LEU B 244 3.36 5.70 -22.08
C LEU B 244 4.68 5.54 -21.33
N GLU B 245 5.43 6.65 -21.18
CA GLU B 245 6.69 6.58 -20.46
C GLU B 245 6.47 6.33 -18.98
N MET B 246 5.46 6.98 -18.37
CA MET B 246 5.12 6.69 -16.99
C MET B 246 4.63 5.25 -16.84
N LEU B 247 4.02 4.70 -17.89
CA LEU B 247 3.46 3.36 -17.82
C LEU B 247 4.55 2.31 -17.75
N ASP B 248 5.42 2.24 -18.76
CA ASP B 248 6.40 1.16 -18.81
C ASP B 248 7.47 1.29 -17.72
N ALA B 249 7.47 2.38 -16.96
CA ALA B 249 8.32 2.44 -15.78
C ALA B 249 7.88 1.43 -14.73
N HIS B 250 6.61 1.03 -14.75
CA HIS B 250 6.11 0.02 -13.82
C HIS B 250 6.21 -1.39 -14.39
N ARG B 251 5.98 -1.56 -15.69
CA ARG B 251 6.08 -2.88 -16.32
C ARG B 251 7.45 -3.07 -16.96
N HIS C 2 -18.12 -23.85 -3.48
CA HIS C 2 -17.49 -24.17 -2.19
C HIS C 2 -16.00 -23.80 -2.22
N LYS C 3 -15.49 -23.37 -1.07
CA LYS C 3 -14.09 -23.00 -0.93
C LYS C 3 -13.45 -23.83 0.19
N ILE C 4 -12.21 -24.26 -0.05
CA ILE C 4 -11.43 -24.90 0.99
C ILE C 4 -11.30 -23.98 2.21
N LEU C 5 -11.09 -22.69 1.95
CA LEU C 5 -10.94 -21.73 3.04
C LEU C 5 -12.12 -21.76 4.00
N HIS C 6 -13.32 -21.99 3.48
CA HIS C 6 -14.49 -22.15 4.35
C HIS C 6 -14.30 -23.31 5.32
N ARG C 7 -13.84 -24.46 4.80
CA ARG C 7 -13.65 -25.63 5.65
C ARG C 7 -12.60 -25.38 6.72
N LEU C 8 -11.53 -24.65 6.37
CA LEU C 8 -10.43 -24.49 7.30
C LEU C 8 -10.75 -23.52 8.42
N LEU C 9 -11.62 -22.53 8.16
CA LEU C 9 -11.96 -21.55 9.18
C LEU C 9 -12.89 -22.14 10.24
N GLN C 10 -13.78 -23.05 9.85
CA GLN C 10 -14.71 -23.64 10.81
C GLN C 10 -14.06 -24.71 11.68
N ASP C 11 -12.97 -25.33 11.22
CA ASP C 11 -12.28 -26.34 12.00
C ASP C 11 -11.49 -25.71 13.16
N HIS D 2 16.47 12.00 -21.20
CA HIS D 2 15.89 11.47 -22.41
C HIS D 2 14.36 11.34 -22.28
N LYS D 3 13.90 11.00 -21.08
CA LYS D 3 12.48 10.88 -20.84
C LYS D 3 11.81 12.25 -20.83
N ILE D 4 10.52 12.26 -21.14
CA ILE D 4 9.73 13.49 -21.03
C ILE D 4 9.68 13.94 -19.58
N LEU D 5 9.52 13.00 -18.65
CA LEU D 5 9.45 13.34 -17.24
C LEU D 5 10.74 14.00 -16.76
N HIS D 6 11.89 13.40 -17.10
CA HIS D 6 13.17 14.00 -16.77
C HIS D 6 13.32 15.38 -17.38
N ARG D 7 12.76 15.57 -18.58
CA ARG D 7 12.84 16.88 -19.23
C ARG D 7 12.03 17.92 -18.48
N LEU D 8 10.77 17.60 -18.20
CA LEU D 8 9.88 18.58 -17.55
C LEU D 8 10.37 18.95 -16.17
N LEU D 9 10.86 17.97 -15.41
CA LEU D 9 11.45 18.27 -14.10
C LEU D 9 12.63 19.23 -14.24
N GLN D 10 13.42 19.07 -15.32
CA GLN D 10 14.66 19.82 -15.45
C GLN D 10 14.43 21.26 -15.90
N ASP D 11 13.26 21.58 -16.45
CA ASP D 11 13.02 22.92 -16.97
C ASP D 11 13.07 23.97 -15.87
N SER D 12 13.65 25.12 -16.19
CA SER D 12 13.77 26.23 -15.25
C SER D 12 13.22 27.52 -15.84
#